data_2L99
#
_entry.id   2L99
#
_cell.length_a   1.000
_cell.length_b   1.000
_cell.length_c   1.000
_cell.angle_alpha   90.00
_cell.angle_beta   90.00
_cell.angle_gamma   90.00
#
_symmetry.space_group_name_H-M   'P 1'
#
_entity_poly.entity_id   1
_entity_poly.type   'polypeptide(L)'
_entity_poly.pdbx_seq_one_letter_code
;KKLKLALAKPALLWKALALKLKKA
;
_entity_poly.pdbx_strand_id   X
#
# COMPACT_ATOMS: atom_id res chain seq x y z
N LYS A 1 -12.30 -18.33 3.72
CA LYS A 1 -11.11 -18.17 2.87
C LYS A 1 -10.48 -16.80 3.10
N LYS A 2 -9.56 -16.73 4.04
CA LYS A 2 -8.91 -15.48 4.37
C LYS A 2 -7.53 -15.38 3.71
N LEU A 3 -7.42 -14.42 2.80
CA LEU A 3 -6.19 -14.22 2.04
C LEU A 3 -5.21 -13.36 2.83
N LYS A 4 -4.45 -14.01 3.71
CA LYS A 4 -3.50 -13.32 4.57
C LYS A 4 -2.32 -12.73 3.79
N LEU A 5 -2.23 -13.07 2.51
CA LEU A 5 -1.16 -12.53 1.67
C LEU A 5 -1.46 -11.09 1.25
N ALA A 6 -2.61 -10.59 1.69
CA ALA A 6 -3.02 -9.22 1.40
C ALA A 6 -2.15 -8.22 2.16
N LEU A 7 -1.49 -8.69 3.21
CA LEU A 7 -0.60 -7.84 3.99
C LEU A 7 0.84 -8.08 3.57
N ALA A 8 1.04 -8.81 2.48
CA ALA A 8 2.38 -9.13 2.01
C ALA A 8 2.72 -8.33 0.75
N LYS A 9 1.86 -8.38 -0.25
CA LYS A 9 2.12 -7.70 -1.53
C LYS A 9 1.49 -6.30 -1.58
N PRO A 10 0.16 -6.15 -1.38
CA PRO A 10 -0.49 -4.83 -1.41
C PRO A 10 0.05 -3.88 -0.36
N ALA A 11 0.52 -4.43 0.76
CA ALA A 11 1.09 -3.64 1.84
C ALA A 11 2.53 -3.23 1.50
N LEU A 12 3.03 -3.75 0.38
CA LEU A 12 4.37 -3.41 -0.08
C LEU A 12 4.27 -2.65 -1.41
N LEU A 13 3.04 -2.38 -1.80
CA LEU A 13 2.75 -1.67 -3.03
C LEU A 13 1.65 -0.66 -2.77
N TRP A 14 2.03 0.52 -2.29
CA TRP A 14 1.06 1.50 -1.83
C TRP A 14 0.42 2.21 -3.01
N LYS A 15 0.95 1.96 -4.20
CA LYS A 15 0.40 2.54 -5.40
C LYS A 15 -1.04 2.09 -5.60
N ALA A 16 -1.28 0.81 -5.36
CA ALA A 16 -2.61 0.24 -5.50
C ALA A 16 -3.33 0.19 -4.15
N LEU A 17 -2.69 0.74 -3.13
CA LEU A 17 -3.24 0.70 -1.78
C LEU A 17 -3.79 2.08 -1.41
N ALA A 18 -2.99 3.12 -1.66
CA ALA A 18 -3.39 4.48 -1.36
C ALA A 18 -4.55 4.90 -2.24
N LEU A 19 -4.48 4.54 -3.51
CA LEU A 19 -5.56 4.82 -4.46
C LEU A 19 -6.75 3.92 -4.20
N LYS A 20 -6.53 2.85 -3.44
CA LYS A 20 -7.62 1.98 -3.03
C LYS A 20 -8.36 2.60 -1.86
N LEU A 21 -7.61 3.29 -1.01
CA LEU A 21 -8.19 4.05 0.09
C LEU A 21 -8.97 5.23 -0.47
N LYS A 22 -8.55 5.70 -1.64
CA LYS A 22 -9.29 6.71 -2.39
C LYS A 22 -10.44 6.03 -3.14
N LYS A 23 -11.37 5.50 -2.38
CA LYS A 23 -12.47 4.73 -2.92
C LYS A 23 -13.66 5.63 -3.26
N ALA A 24 -14.55 5.82 -2.29
CA ALA A 24 -15.76 6.62 -2.47
C ALA A 24 -16.56 6.66 -1.17
N LYS A 1 17.61 2.06 -0.13
CA LYS A 1 16.25 1.47 -0.08
C LYS A 1 15.42 1.90 -1.28
N LYS A 2 14.81 3.08 -1.17
CA LYS A 2 13.95 3.62 -2.23
C LYS A 2 12.91 2.61 -2.70
N LEU A 3 11.90 2.40 -1.85
CA LEU A 3 10.77 1.51 -2.17
C LEU A 3 11.22 0.05 -2.29
N LYS A 4 12.22 -0.32 -1.50
CA LYS A 4 12.68 -1.70 -1.45
C LYS A 4 11.79 -2.50 -0.52
N LEU A 5 11.63 -2.00 0.71
CA LEU A 5 10.78 -2.65 1.69
C LEU A 5 9.53 -1.82 1.92
N ALA A 6 9.40 -0.76 1.14
CA ALA A 6 8.23 0.10 1.22
C ALA A 6 6.98 -0.65 0.78
N LEU A 7 7.16 -1.56 -0.17
CA LEU A 7 6.05 -2.34 -0.72
C LEU A 7 5.78 -3.57 0.15
N ALA A 8 6.28 -3.55 1.38
CA ALA A 8 6.07 -4.64 2.31
C ALA A 8 5.10 -4.21 3.40
N LYS A 9 4.84 -2.90 3.46
CA LYS A 9 3.87 -2.36 4.41
C LYS A 9 2.45 -2.53 3.87
N PRO A 10 2.15 -2.04 2.64
CA PRO A 10 0.87 -2.29 2.00
C PRO A 10 0.86 -3.63 1.26
N ALA A 11 2.06 -4.24 1.15
CA ALA A 11 2.24 -5.56 0.54
C ALA A 11 2.11 -5.52 -0.99
N LEU A 12 1.33 -4.57 -1.48
CA LEU A 12 1.10 -4.42 -2.91
C LEU A 12 2.09 -3.43 -3.51
N LEU A 13 1.71 -2.80 -4.62
CA LEU A 13 2.59 -1.89 -5.35
C LEU A 13 2.71 -0.53 -4.65
N TRP A 14 2.23 -0.46 -3.41
CA TRP A 14 2.42 0.69 -2.53
C TRP A 14 1.36 1.73 -2.84
N LYS A 15 1.24 2.07 -4.11
CA LYS A 15 0.25 3.03 -4.53
C LYS A 15 -1.08 2.34 -4.82
N ALA A 16 -1.06 1.01 -4.81
CA ALA A 16 -2.26 0.22 -5.05
C ALA A 16 -3.25 0.36 -3.90
N LEU A 17 -2.74 0.71 -2.73
CA LEU A 17 -3.57 0.87 -1.54
C LEU A 17 -3.96 2.33 -1.35
N ALA A 18 -3.30 3.21 -2.09
CA ALA A 18 -3.54 4.64 -1.98
C ALA A 18 -4.86 5.02 -2.64
N LEU A 19 -5.03 4.59 -3.88
CA LEU A 19 -6.24 4.92 -4.65
C LEU A 19 -7.43 4.07 -4.21
N LYS A 20 -7.27 3.34 -3.12
CA LYS A 20 -8.35 2.53 -2.58
C LYS A 20 -9.23 3.40 -1.68
N LEU A 21 -8.60 4.29 -0.92
CA LEU A 21 -9.33 5.24 -0.11
C LEU A 21 -9.64 6.49 -0.92
N LYS A 22 -8.88 6.69 -1.98
CA LYS A 22 -9.09 7.81 -2.88
C LYS A 22 -10.33 7.57 -3.73
N LYS A 23 -11.27 8.50 -3.65
CA LYS A 23 -12.49 8.41 -4.43
C LYS A 23 -12.34 9.19 -5.74
N ALA A 24 -12.44 8.47 -6.85
CA ALA A 24 -12.34 9.10 -8.16
C ALA A 24 -13.69 9.64 -8.60
N LYS A 1 13.57 9.18 -10.28
CA LYS A 1 13.24 8.69 -8.93
C LYS A 1 11.74 8.88 -8.67
N LYS A 2 10.91 8.27 -9.50
CA LYS A 2 9.47 8.56 -9.48
C LYS A 2 8.63 7.35 -9.11
N LEU A 3 8.05 7.39 -7.91
CA LEU A 3 6.96 6.49 -7.49
C LEU A 3 7.39 5.04 -7.31
N LYS A 4 8.58 4.67 -7.76
CA LYS A 4 9.05 3.29 -7.63
C LYS A 4 9.28 2.92 -6.17
N LEU A 5 9.61 3.92 -5.36
CA LEU A 5 9.92 3.69 -3.96
C LEU A 5 8.65 3.45 -3.14
N ALA A 6 7.51 3.53 -3.81
CA ALA A 6 6.23 3.32 -3.14
C ALA A 6 6.03 1.84 -2.80
N LEU A 7 6.83 0.99 -3.41
CA LEU A 7 6.74 -0.44 -3.16
C LEU A 7 7.93 -0.93 -2.32
N ALA A 8 8.65 0.00 -1.72
CA ALA A 8 9.86 -0.35 -0.99
C ALA A 8 10.17 0.63 0.14
N LYS A 9 9.26 1.56 0.39
CA LYS A 9 9.45 2.51 1.48
C LYS A 9 8.27 2.47 2.46
N PRO A 10 7.01 2.64 1.99
CA PRO A 10 5.85 2.52 2.86
C PRO A 10 5.63 1.09 3.28
N ALA A 11 5.68 0.18 2.31
CA ALA A 11 5.54 -1.25 2.55
C ALA A 11 5.70 -2.03 1.25
N LEU A 12 4.63 -2.10 0.48
CA LEU A 12 4.61 -2.88 -0.75
C LEU A 12 3.29 -2.67 -1.47
N LEU A 13 3.35 -2.45 -2.79
CA LEU A 13 2.16 -2.21 -3.60
C LEU A 13 1.30 -1.10 -3.02
N TRP A 14 1.95 -0.08 -2.47
CA TRP A 14 1.27 0.99 -1.79
C TRP A 14 0.65 1.93 -2.82
N LYS A 15 1.18 1.86 -4.03
CA LYS A 15 0.67 2.65 -5.14
C LYS A 15 -0.79 2.27 -5.41
N ALA A 16 -1.08 0.98 -5.25
CA ALA A 16 -2.43 0.48 -5.48
C ALA A 16 -3.27 0.55 -4.21
N LEU A 17 -2.60 0.84 -3.09
CA LEU A 17 -3.27 0.91 -1.81
C LEU A 17 -3.72 2.35 -1.55
N ALA A 18 -2.94 3.29 -2.07
CA ALA A 18 -3.27 4.70 -1.95
C ALA A 18 -4.62 5.00 -2.59
N LEU A 19 -4.95 4.24 -3.63
CA LEU A 19 -6.23 4.40 -4.33
C LEU A 19 -7.40 4.00 -3.43
N LYS A 20 -7.12 3.17 -2.43
CA LYS A 20 -8.14 2.72 -1.50
C LYS A 20 -8.33 3.74 -0.38
N LEU A 21 -7.29 4.53 -0.15
CA LEU A 21 -7.34 5.59 0.85
C LEU A 21 -7.92 6.87 0.26
N LYS A 22 -8.07 6.88 -1.06
CA LYS A 22 -8.65 8.03 -1.75
C LYS A 22 -10.17 8.02 -1.60
N LYS A 23 -10.62 8.25 -0.38
CA LYS A 23 -12.04 8.26 -0.06
C LYS A 23 -12.57 9.69 -0.14
N ALA A 24 -11.66 10.63 -0.28
CA ALA A 24 -12.00 12.04 -0.42
C ALA A 24 -10.89 12.77 -1.15
N LYS A 1 9.10 -1.23 15.21
CA LYS A 1 8.76 -2.13 16.33
C LYS A 1 7.28 -2.50 16.29
N LYS A 2 6.90 -3.27 15.28
CA LYS A 2 5.51 -3.70 15.09
C LYS A 2 4.56 -2.50 15.07
N LEU A 3 4.95 -1.44 14.37
CA LEU A 3 4.16 -0.20 14.36
C LEU A 3 3.00 -0.30 13.38
N LYS A 4 1.98 -1.05 13.78
CA LYS A 4 0.75 -1.24 13.00
C LYS A 4 1.01 -1.99 11.70
N LEU A 5 2.03 -2.85 11.71
CA LEU A 5 2.41 -3.64 10.54
C LEU A 5 2.88 -2.74 9.39
N ALA A 6 4.18 -2.54 9.31
CA ALA A 6 4.77 -1.71 8.28
C ALA A 6 5.76 -2.51 7.45
N LEU A 7 5.51 -3.80 7.35
CA LEU A 7 6.39 -4.70 6.61
C LEU A 7 5.80 -5.02 5.25
N ALA A 8 6.43 -4.48 4.21
CA ALA A 8 6.06 -4.73 2.81
C ALA A 8 4.75 -4.06 2.45
N LYS A 9 4.14 -3.37 3.41
CA LYS A 9 2.89 -2.66 3.18
C LYS A 9 3.14 -1.33 2.46
N PRO A 10 4.00 -0.44 3.01
CA PRO A 10 4.27 0.85 2.38
C PRO A 10 5.25 0.75 1.21
N ALA A 11 6.09 -0.27 1.25
CA ALA A 11 7.13 -0.43 0.25
C ALA A 11 6.61 -1.12 -1.02
N LEU A 12 5.46 -1.76 -0.91
CA LEU A 12 4.90 -2.50 -2.03
C LEU A 12 3.43 -2.19 -2.22
N LEU A 13 3.05 -1.90 -3.46
CA LEU A 13 1.64 -1.65 -3.81
C LEU A 13 1.10 -0.42 -3.08
N TRP A 14 1.92 0.61 -2.96
CA TRP A 14 1.52 1.81 -2.25
C TRP A 14 0.64 2.63 -3.17
N LYS A 15 0.78 2.40 -4.46
CA LYS A 15 -0.10 3.00 -5.44
C LYS A 15 -1.27 2.06 -5.74
N ALA A 16 -1.50 1.12 -4.84
CA ALA A 16 -2.61 0.20 -4.96
C ALA A 16 -3.54 0.28 -3.75
N LEU A 17 -2.96 0.23 -2.55
CA LEU A 17 -3.76 0.22 -1.33
C LEU A 17 -4.05 1.64 -0.87
N ALA A 18 -3.44 2.61 -1.55
CA ALA A 18 -3.69 4.00 -1.24
C ALA A 18 -4.37 4.71 -2.41
N LEU A 19 -3.98 4.34 -3.62
CA LEU A 19 -4.51 4.99 -4.82
C LEU A 19 -5.93 4.52 -5.11
N LYS A 20 -6.35 3.42 -4.50
CA LYS A 20 -7.71 2.96 -4.64
C LYS A 20 -8.60 3.59 -3.57
N LEU A 21 -7.96 4.27 -2.63
CA LEU A 21 -8.68 5.02 -1.61
C LEU A 21 -8.87 6.45 -2.10
N LYS A 22 -7.83 6.98 -2.73
CA LYS A 22 -7.90 8.27 -3.40
C LYS A 22 -7.54 8.09 -4.86
N LYS A 23 -8.52 7.70 -5.67
CA LYS A 23 -8.28 7.40 -7.07
C LYS A 23 -7.97 8.66 -7.86
N ALA A 24 -7.08 8.52 -8.83
CA ALA A 24 -6.71 9.62 -9.70
C ALA A 24 -7.26 9.38 -11.11
N LYS A 1 -8.65 -4.62 13.22
CA LYS A 1 -9.93 -5.14 12.68
C LYS A 1 -9.99 -4.86 11.18
N LYS A 2 -10.36 -5.89 10.41
CA LYS A 2 -10.32 -5.85 8.95
C LYS A 2 -8.87 -5.84 8.45
N LEU A 3 -8.19 -4.71 8.65
CA LEU A 3 -6.80 -4.57 8.28
C LEU A 3 -6.03 -3.87 9.39
N LYS A 4 -5.26 -4.65 10.14
CA LYS A 4 -4.47 -4.11 11.24
C LYS A 4 -3.23 -3.41 10.71
N LEU A 5 -2.31 -4.19 10.15
CA LEU A 5 -1.07 -3.66 9.61
C LEU A 5 -0.28 -4.76 8.92
N ALA A 6 -0.20 -4.69 7.60
CA ALA A 6 0.53 -5.67 6.81
C ALA A 6 0.90 -5.10 5.44
N LEU A 7 -0.06 -4.45 4.80
CA LEU A 7 0.16 -3.82 3.51
C LEU A 7 0.87 -2.48 3.69
N ALA A 8 2.11 -2.55 4.11
CA ALA A 8 2.93 -1.37 4.34
C ALA A 8 4.39 -1.77 4.48
N LYS A 9 4.62 -2.78 5.33
CA LYS A 9 5.96 -3.25 5.61
C LYS A 9 6.67 -3.75 4.34
N PRO A 10 6.08 -4.68 3.57
CA PRO A 10 6.72 -5.20 2.36
C PRO A 10 6.60 -4.26 1.16
N ALA A 11 5.87 -3.16 1.35
CA ALA A 11 5.58 -2.20 0.28
C ALA A 11 4.84 -2.89 -0.87
N LEU A 12 4.03 -3.86 -0.53
CA LEU A 12 3.29 -4.64 -1.50
C LEU A 12 2.03 -3.90 -1.95
N LEU A 13 2.00 -3.53 -3.23
CA LEU A 13 0.85 -2.86 -3.82
C LEU A 13 0.57 -1.54 -3.14
N TRP A 14 1.60 -0.91 -2.61
CA TRP A 14 1.45 0.30 -1.81
C TRP A 14 1.11 1.45 -2.74
N LYS A 15 1.61 1.36 -3.96
CA LYS A 15 1.32 2.36 -4.98
C LYS A 15 -0.15 2.31 -5.38
N ALA A 16 -0.79 1.17 -5.14
CA ALA A 16 -2.18 0.98 -5.49
C ALA A 16 -3.08 1.15 -4.28
N LEU A 17 -2.47 1.29 -3.11
CA LEU A 17 -3.21 1.44 -1.87
C LEU A 17 -3.61 2.88 -1.67
N ALA A 18 -3.21 3.73 -2.61
CA ALA A 18 -3.60 5.13 -2.59
C ALA A 18 -5.09 5.26 -2.87
N LEU A 19 -5.67 4.19 -3.41
CA LEU A 19 -7.10 4.16 -3.71
C LEU A 19 -7.79 3.10 -2.84
N LYS A 20 -7.30 2.92 -1.62
CA LYS A 20 -7.81 1.90 -0.72
C LYS A 20 -9.27 2.16 -0.33
N LEU A 21 -9.63 3.44 -0.26
CA LEU A 21 -10.99 3.79 0.14
C LEU A 21 -11.82 4.24 -1.05
N LYS A 22 -11.13 4.61 -2.13
CA LYS A 22 -11.78 5.16 -3.33
C LYS A 22 -12.53 6.43 -2.97
N LYS A 23 -11.98 7.16 -2.00
CA LYS A 23 -12.63 8.34 -1.43
C LYS A 23 -13.93 7.96 -0.75
N ALA A 24 -13.82 7.31 0.42
CA ALA A 24 -14.97 6.89 1.18
C ALA A 24 -14.97 7.55 2.54
N LYS A 1 15.76 0.07 15.38
CA LYS A 1 17.02 -0.62 15.75
C LYS A 1 17.19 -1.89 14.92
N LYS A 2 16.27 -2.84 15.11
CA LYS A 2 16.30 -4.09 14.37
C LYS A 2 15.12 -4.13 13.38
N LEU A 3 15.43 -4.48 12.13
CA LEU A 3 14.43 -4.53 11.05
C LEU A 3 13.95 -3.12 10.69
N LYS A 4 14.23 -2.72 9.47
CA LYS A 4 13.84 -1.42 8.98
C LYS A 4 12.72 -1.57 7.96
N LEU A 5 11.49 -1.31 8.38
CA LEU A 5 10.31 -1.50 7.55
C LEU A 5 10.15 -0.37 6.53
N ALA A 6 11.11 -0.29 5.62
CA ALA A 6 11.05 0.69 4.55
C ALA A 6 11.41 0.03 3.21
N LEU A 7 12.04 -1.13 3.29
CA LEU A 7 12.45 -1.85 2.10
C LEU A 7 11.46 -2.97 1.79
N ALA A 8 10.21 -2.58 1.55
CA ALA A 8 9.13 -3.53 1.30
C ALA A 8 7.83 -2.81 0.99
N LYS A 9 7.40 -1.95 1.92
CA LYS A 9 6.11 -1.26 1.83
C LYS A 9 5.93 -0.46 0.53
N PRO A 10 6.90 0.41 0.16
CA PRO A 10 6.79 1.23 -1.06
C PRO A 10 6.55 0.41 -2.32
N ALA A 11 6.97 -0.85 -2.28
CA ALA A 11 6.79 -1.74 -3.42
C ALA A 11 5.55 -2.62 -3.24
N LEU A 12 5.42 -3.19 -2.05
CA LEU A 12 4.34 -4.14 -1.77
C LEU A 12 3.09 -3.42 -1.31
N LEU A 13 2.18 -3.19 -2.26
CA LEU A 13 0.87 -2.61 -1.99
C LEU A 13 0.99 -1.20 -1.40
N TRP A 14 1.53 -0.30 -2.20
CA TRP A 14 1.63 1.10 -1.81
C TRP A 14 0.90 1.98 -2.82
N LYS A 15 1.26 1.83 -4.09
CA LYS A 15 0.68 2.62 -5.17
C LYS A 15 -0.81 2.30 -5.31
N ALA A 16 -1.12 1.01 -5.37
CA ALA A 16 -2.49 0.55 -5.53
C ALA A 16 -3.29 0.68 -4.24
N LEU A 17 -2.60 0.83 -3.12
CA LEU A 17 -3.25 0.93 -1.83
C LEU A 17 -3.71 2.34 -1.58
N ALA A 18 -2.96 3.27 -2.17
CA ALA A 18 -3.22 4.70 -2.00
C ALA A 18 -4.54 5.11 -2.65
N LEU A 19 -5.06 4.26 -3.51
CA LEU A 19 -6.35 4.52 -4.15
C LEU A 19 -7.45 3.66 -3.55
N LYS A 20 -7.06 2.45 -3.09
CA LYS A 20 -8.01 1.54 -2.47
C LYS A 20 -8.46 2.06 -1.11
N LEU A 21 -7.51 2.27 -0.22
CA LEU A 21 -7.81 2.73 1.12
C LEU A 21 -7.38 4.17 1.30
N LYS A 22 -7.16 4.84 0.17
CA LYS A 22 -6.75 6.24 0.14
C LYS A 22 -5.44 6.46 0.89
N LYS A 23 -5.26 7.68 1.37
CA LYS A 23 -4.04 8.09 2.05
C LYS A 23 -2.86 8.13 1.08
N ALA A 24 -2.87 9.13 0.21
CA ALA A 24 -1.78 9.33 -0.72
C ALA A 24 -1.22 10.75 -0.59
N LYS A 1 5.50 -8.56 8.54
CA LYS A 1 4.42 -9.29 7.84
C LYS A 1 4.16 -8.70 6.46
N LYS A 2 3.72 -7.44 6.42
CA LYS A 2 3.33 -6.81 5.16
C LYS A 2 4.57 -6.34 4.39
N LEU A 3 5.63 -6.02 5.11
CA LEU A 3 6.85 -5.49 4.49
C LEU A 3 7.45 -6.47 3.47
N LYS A 4 7.20 -7.76 3.68
CA LYS A 4 7.74 -8.78 2.79
C LYS A 4 6.72 -9.18 1.72
N LEU A 5 5.63 -8.42 1.65
CA LEU A 5 4.58 -8.69 0.66
C LEU A 5 4.39 -7.47 -0.25
N ALA A 6 5.13 -6.41 0.05
CA ALA A 6 4.97 -5.14 -0.67
C ALA A 6 5.48 -5.25 -2.11
N LEU A 7 6.60 -5.93 -2.29
CA LEU A 7 7.20 -6.07 -3.61
C LEU A 7 6.59 -7.26 -4.36
N ALA A 8 5.35 -7.60 -3.99
CA ALA A 8 4.67 -8.74 -4.58
C ALA A 8 3.20 -8.43 -4.84
N LYS A 9 2.46 -8.13 -3.78
CA LYS A 9 1.01 -7.96 -3.88
C LYS A 9 0.64 -6.62 -4.54
N PRO A 10 1.11 -5.47 -4.00
CA PRO A 10 0.84 -4.17 -4.63
C PRO A 10 1.60 -4.00 -5.95
N ALA A 11 2.66 -4.81 -6.10
CA ALA A 11 3.52 -4.79 -7.29
C ALA A 11 4.32 -3.48 -7.38
N LEU A 12 4.14 -2.63 -6.39
CA LEU A 12 4.80 -1.34 -6.33
C LEU A 12 5.20 -1.05 -4.88
N LEU A 13 5.67 0.16 -4.62
CA LEU A 13 6.06 0.54 -3.26
C LEU A 13 4.85 0.47 -2.32
N TRP A 14 3.80 1.22 -2.66
CA TRP A 14 2.54 1.17 -1.91
C TRP A 14 1.43 1.82 -2.73
N LYS A 15 1.58 1.78 -4.05
CA LYS A 15 0.66 2.47 -4.93
C LYS A 15 -0.36 1.50 -5.52
N ALA A 16 -1.05 0.76 -4.66
CA ALA A 16 -2.07 -0.17 -5.11
C ALA A 16 -3.41 0.16 -4.47
N LEU A 17 -3.41 0.26 -3.15
CA LEU A 17 -4.64 0.61 -2.42
C LEU A 17 -4.63 2.08 -1.99
N ALA A 18 -3.65 2.83 -2.49
CA ALA A 18 -3.46 4.22 -2.08
C ALA A 18 -4.66 5.08 -2.46
N LEU A 19 -5.35 4.70 -3.53
CA LEU A 19 -6.53 5.42 -3.98
C LEU A 19 -7.61 5.44 -2.92
N LYS A 20 -7.89 4.28 -2.32
CA LYS A 20 -8.93 4.19 -1.29
C LYS A 20 -8.32 4.43 0.08
N LEU A 21 -7.01 4.34 0.18
CA LEU A 21 -6.31 4.68 1.42
C LEU A 21 -6.49 6.15 1.72
N LYS A 22 -6.53 6.96 0.67
CA LYS A 22 -6.79 8.37 0.80
C LYS A 22 -8.27 8.67 0.59
N LYS A 23 -9.12 7.76 1.06
CA LYS A 23 -10.56 7.93 0.96
C LYS A 23 -11.17 8.00 2.35
N ALA A 24 -11.49 9.21 2.77
CA ALA A 24 -12.12 9.44 4.06
C ALA A 24 -13.13 10.56 3.94
N LYS A 1 11.95 7.61 6.42
CA LYS A 1 11.90 6.33 5.67
C LYS A 1 12.83 5.30 6.30
N LYS A 2 12.98 5.36 7.62
CA LYS A 2 13.89 4.46 8.34
C LYS A 2 13.38 3.03 8.26
N LEU A 3 12.15 2.82 8.72
CA LEU A 3 11.51 1.53 8.62
C LEU A 3 10.45 1.55 7.53
N LYS A 4 10.80 1.03 6.37
CA LYS A 4 9.88 0.97 5.24
C LYS A 4 8.96 -0.23 5.37
N LEU A 5 8.43 -0.41 6.58
CA LEU A 5 7.63 -1.59 6.89
C LEU A 5 6.19 -1.40 6.42
N ALA A 6 5.91 -0.23 5.86
CA ALA A 6 4.61 0.04 5.29
C ALA A 6 4.54 -0.48 3.85
N LEU A 7 5.64 -1.03 3.39
CA LEU A 7 5.75 -1.56 2.04
C LEU A 7 4.94 -2.85 1.91
N ALA A 8 3.66 -2.69 1.56
CA ALA A 8 2.76 -3.80 1.25
C ALA A 8 2.30 -4.57 2.49
N LYS A 9 2.97 -4.40 3.62
CA LYS A 9 2.61 -5.14 4.82
C LYS A 9 1.28 -4.66 5.40
N PRO A 10 1.15 -3.38 5.77
CA PRO A 10 -0.12 -2.83 6.27
C PRO A 10 -1.06 -2.44 5.13
N ALA A 11 -0.58 -2.61 3.89
CA ALA A 11 -1.34 -2.31 2.69
C ALA A 11 -1.70 -0.82 2.60
N LEU A 12 -0.83 0.03 3.13
CA LEU A 12 -1.08 1.46 3.14
C LEU A 12 -0.14 2.20 2.20
N LEU A 13 -0.71 2.80 1.16
CA LEU A 13 0.03 3.66 0.23
C LEU A 13 1.19 2.91 -0.44
N TRP A 14 0.94 1.67 -0.82
CA TRP A 14 1.97 0.86 -1.47
C TRP A 14 2.13 1.34 -2.92
N LYS A 15 1.14 1.01 -3.75
CA LYS A 15 1.08 1.54 -5.11
C LYS A 15 -0.37 1.83 -5.47
N ALA A 16 -1.11 0.78 -5.84
CA ALA A 16 -2.52 0.90 -6.14
C ALA A 16 -3.33 1.02 -4.85
N LEU A 17 -2.63 0.93 -3.73
CA LEU A 17 -3.26 0.97 -2.42
C LEU A 17 -3.22 2.39 -1.88
N ALA A 18 -3.23 3.35 -2.79
CA ALA A 18 -3.32 4.74 -2.42
C ALA A 18 -4.78 5.18 -2.38
N LEU A 19 -5.59 4.54 -3.22
CA LEU A 19 -7.03 4.76 -3.23
C LEU A 19 -7.73 3.55 -2.63
N LYS A 20 -7.46 2.37 -3.18
CA LYS A 20 -8.03 1.12 -2.66
C LYS A 20 -9.56 1.19 -2.67
N LEU A 21 -10.11 1.60 -3.82
CA LEU A 21 -11.56 1.73 -4.01
C LEU A 21 -12.17 2.80 -3.10
N LYS A 22 -11.32 3.52 -2.39
CA LYS A 22 -11.76 4.59 -1.51
C LYS A 22 -11.28 5.93 -2.07
N LYS A 23 -12.06 6.49 -2.97
CA LYS A 23 -11.71 7.73 -3.63
C LYS A 23 -11.76 8.89 -2.64
N ALA A 24 -12.72 8.82 -1.73
CA ALA A 24 -12.84 9.81 -0.68
C ALA A 24 -12.26 9.26 0.62
N LYS A 1 10.53 0.16 15.71
CA LYS A 1 11.75 0.45 14.91
C LYS A 1 12.03 -0.66 13.91
N LYS A 2 11.70 -1.88 14.28
CA LYS A 2 11.99 -3.04 13.45
C LYS A 2 10.83 -3.33 12.50
N LEU A 3 10.85 -2.70 11.33
CA LEU A 3 9.86 -2.96 10.31
C LEU A 3 10.53 -3.07 8.94
N LYS A 4 10.79 -4.29 8.51
CA LYS A 4 11.39 -4.53 7.21
C LYS A 4 10.62 -5.63 6.49
N LEU A 5 9.32 -5.43 6.39
CA LEU A 5 8.44 -6.36 5.69
C LEU A 5 7.24 -5.60 5.12
N ALA A 6 7.40 -5.08 3.92
CA ALA A 6 6.37 -4.28 3.29
C ALA A 6 5.49 -5.15 2.39
N LEU A 7 5.99 -6.32 2.03
CA LEU A 7 5.25 -7.23 1.16
C LEU A 7 4.26 -8.07 1.97
N ALA A 8 3.46 -7.40 2.81
CA ALA A 8 2.52 -8.08 3.68
C ALA A 8 1.57 -7.11 4.36
N LYS A 9 2.14 -6.07 4.97
CA LYS A 9 1.36 -5.12 5.79
C LYS A 9 0.27 -4.41 5.00
N PRO A 10 0.58 -3.77 3.84
CA PRO A 10 -0.45 -3.14 3.01
C PRO A 10 -1.22 -4.17 2.18
N ALA A 11 -1.00 -5.45 2.48
CA ALA A 11 -1.67 -6.55 1.79
C ALA A 11 -1.34 -6.55 0.30
N LEU A 12 -0.08 -6.25 -0.01
CA LEU A 12 0.42 -6.18 -1.39
C LEU A 12 -0.15 -4.96 -2.12
N LEU A 13 0.47 -4.62 -3.25
CA LEU A 13 0.17 -3.39 -3.97
C LEU A 13 0.40 -2.20 -3.05
N TRP A 14 1.68 -1.92 -2.81
CA TRP A 14 2.08 -0.91 -1.84
C TRP A 14 2.29 0.43 -2.52
N LYS A 15 2.06 0.46 -3.82
CA LYS A 15 2.11 1.70 -4.56
C LYS A 15 0.70 2.16 -4.88
N ALA A 16 -0.16 1.21 -5.25
CA ALA A 16 -1.55 1.49 -5.56
C ALA A 16 -2.37 1.56 -4.28
N LEU A 17 -2.11 2.57 -3.46
CA LEU A 17 -2.82 2.78 -2.22
C LEU A 17 -3.83 3.93 -2.37
N ALA A 18 -4.18 4.25 -3.61
CA ALA A 18 -5.06 5.37 -3.90
C ALA A 18 -6.35 5.31 -3.09
N LEU A 19 -7.03 4.18 -3.15
CA LEU A 19 -8.25 3.97 -2.38
C LEU A 19 -8.05 2.82 -1.40
N LYS A 20 -6.80 2.39 -1.26
CA LYS A 20 -6.47 1.35 -0.30
C LYS A 20 -6.02 2.00 1.01
N LEU A 21 -5.41 3.18 0.89
CA LEU A 21 -5.03 3.96 2.05
C LEU A 21 -6.19 4.85 2.47
N LYS A 22 -6.96 5.29 1.48
CA LYS A 22 -8.14 6.09 1.73
C LYS A 22 -9.33 5.17 1.97
N LYS A 23 -9.70 5.02 3.24
CA LYS A 23 -10.75 4.11 3.64
C LYS A 23 -11.14 4.40 5.08
N ALA A 24 -12.35 4.03 5.46
CA ALA A 24 -12.84 4.26 6.80
C ALA A 24 -13.20 2.94 7.45
N LYS A 1 6.68 -10.14 7.07
CA LYS A 1 6.92 -11.53 7.52
C LYS A 1 6.50 -12.53 6.44
N LYS A 2 5.23 -12.92 6.46
CA LYS A 2 4.71 -13.89 5.52
C LYS A 2 4.28 -13.20 4.22
N LEU A 3 3.15 -12.52 4.28
CA LEU A 3 2.62 -11.82 3.12
C LEU A 3 3.45 -10.58 2.83
N LYS A 4 4.17 -10.61 1.73
CA LYS A 4 5.01 -9.49 1.32
C LYS A 4 4.74 -9.17 -0.15
N LEU A 5 3.49 -9.38 -0.55
CA LEU A 5 3.09 -9.22 -1.94
C LEU A 5 2.91 -7.76 -2.31
N ALA A 6 2.92 -6.92 -1.30
CA ALA A 6 2.76 -5.47 -1.48
C ALA A 6 3.97 -4.88 -2.21
N LEU A 7 5.04 -5.65 -2.29
CA LEU A 7 6.25 -5.20 -2.96
C LEU A 7 6.41 -5.93 -4.29
N ALA A 8 5.40 -6.68 -4.69
CA ALA A 8 5.46 -7.45 -5.91
C ALA A 8 4.30 -7.13 -6.84
N LYS A 9 3.09 -7.09 -6.29
CA LYS A 9 1.89 -6.86 -7.09
C LYS A 9 1.85 -5.44 -7.68
N PRO A 10 1.96 -4.37 -6.85
CA PRO A 10 1.97 -3.01 -7.37
C PRO A 10 3.33 -2.61 -7.93
N ALA A 11 4.36 -3.41 -7.60
CA ALA A 11 5.72 -3.23 -8.11
C ALA A 11 6.43 -2.01 -7.50
N LEU A 12 5.65 -1.08 -6.95
CA LEU A 12 6.21 0.09 -6.29
C LEU A 12 6.10 -0.04 -4.79
N LEU A 13 6.32 1.06 -4.07
CA LEU A 13 6.27 1.06 -2.61
C LEU A 13 4.87 0.72 -2.14
N TRP A 14 3.91 1.56 -2.51
CA TRP A 14 2.50 1.32 -2.18
C TRP A 14 1.61 2.09 -3.14
N LYS A 15 1.51 1.60 -4.37
CA LYS A 15 0.65 2.22 -5.36
C LYS A 15 -0.49 1.29 -5.74
N ALA A 16 -0.97 0.54 -4.74
CA ALA A 16 -2.05 -0.40 -4.96
C ALA A 16 -3.32 0.08 -4.26
N LEU A 17 -3.32 0.04 -2.93
CA LEU A 17 -4.50 0.38 -2.16
C LEU A 17 -4.27 1.70 -1.44
N ALA A 18 -4.13 2.76 -2.20
CA ALA A 18 -4.00 4.09 -1.64
C ALA A 18 -5.23 4.92 -1.98
N LEU A 19 -5.22 5.53 -3.15
CA LEU A 19 -6.38 6.25 -3.65
C LEU A 19 -7.14 5.38 -4.63
N LYS A 20 -7.59 4.22 -4.15
CA LYS A 20 -8.28 3.25 -5.00
C LYS A 20 -9.76 3.57 -5.09
N LEU A 21 -10.45 3.52 -3.96
CA LEU A 21 -11.88 3.80 -3.91
C LEU A 21 -12.14 5.14 -3.24
N LYS A 22 -11.22 5.55 -2.39
CA LYS A 22 -11.39 6.75 -1.59
C LYS A 22 -11.14 8.01 -2.42
N LYS A 23 -12.21 8.76 -2.68
CA LYS A 23 -12.09 10.05 -3.33
C LYS A 23 -11.60 11.09 -2.34
N ALA A 24 -10.41 11.63 -2.58
CA ALA A 24 -9.84 12.61 -1.67
C ALA A 24 -9.93 14.01 -2.28
#